data_3OYD
#
_entry.id   3OYD
#
_cell.length_a   159.530
_cell.length_b   159.530
_cell.length_c   123.580
_cell.angle_alpha   90.000
_cell.angle_beta   90.000
_cell.angle_gamma   90.000
#
_symmetry.space_group_name_H-M   'P 41 21 2'
#
loop_
_entity.id
_entity.type
_entity.pdbx_description
1 polymer 'PFV integrase'
2 polymer "DNA (5'-D(*AP*TP*TP*GP*TP*CP*AP*TP*GP*GP*AP*AP*TP*TP*TP*CP*GP*CP*A)-3')"
3 polymer "DNA (5'-D(*TP*GP*CP*GP*AP*AP*AP*TP*TP*CP*CP*AP*TP*GP*AP*CP*A)-3')"
4 non-polymer 'ZINC ION'
5 non-polymer 'SULFATE ION'
6 non-polymer GLYCEROL
7 non-polymer 'AMMONIUM ION'
8 non-polymer 'MAGNESIUM ION'
9 non-polymer N-[7-(4-fluorobenzyl)-9-hydroxy-8-oxo-7,8-dihydro-6H-pyrrolo[3,4-g]quinolin-5-yl]-N-methylmethanesulfonamide
10 water water
#
loop_
_entity_poly.entity_id
_entity_poly.type
_entity_poly.pdbx_seq_one_letter_code
_entity_poly.pdbx_strand_id
1 'polypeptide(L)'
;GPGCNTKKPNLDAELDQLLQGHYIKGYPKQYTYFLEDGKVKVSRPEGVKIIPPQSDRQKIVLQAHNLAHTGREATLLKIA
NLYWWPNMRKDVVKQLGRCQQCLITNASNKASGPILRPDRPQKPFDKFFIDYIGPLPPSQGYLYVLVVVDGMTGFTWLYP
TKAPSTSATVKSLNVLTSIAIPKVIHSDQGAAFTSSTFAEWAKERGIHLEFSTPYHPQSSGKVERKNSDIKRLLTKLLVG
RPTKWYDLLPVVQLALNNTYSPVLKYTPHQLLFGIDSNTPFANQDTLDLTREEELSLLQEIRTSLYHPSTPPASSRSWSP
VVGQLVQERVARPASLRPRWHKPSTVLKVLNPRTVVILDHLGNNRTVSIDNLKPTSHQNGTTNDTATMDHLEKNE
;
A,B
2 'polydeoxyribonucleotide' (DA)(DT)(DT)(DG)(DT)(DC)(DA)(DT)(DG)(DG)(DA)(DA)(DT)(DT)(DT)(DC)(DG)(DC)(DA) C
3 'polydeoxyribonucleotide' (DT)(DG)(DC)(DG)(DA)(DA)(DA)(DT)(DT)(DC)(DC)(DA)(DT)(DG)(DA)(DC)(DA) D
#
# COMPACT_ATOMS: atom_id res chain seq x y z
N LEU A 11 -13.31 -51.91 -31.01
CA LEU A 11 -12.39 -52.91 -30.38
C LEU A 11 -12.13 -54.11 -31.32
N ASP A 12 -12.62 -55.29 -30.96
CA ASP A 12 -12.39 -56.55 -31.72
C ASP A 12 -13.30 -56.69 -32.95
N ALA A 13 -14.54 -56.22 -32.82
CA ALA A 13 -15.49 -56.18 -33.94
C ALA A 13 -14.99 -55.27 -35.07
N GLU A 14 -14.63 -54.04 -34.73
CA GLU A 14 -14.12 -53.06 -35.70
C GLU A 14 -12.93 -53.57 -36.49
N LEU A 15 -11.95 -54.10 -35.77
CA LEU A 15 -10.73 -54.62 -36.37
C LEU A 15 -11.01 -55.85 -37.25
N ASP A 16 -12.08 -56.57 -36.93
CA ASP A 16 -12.52 -57.72 -37.72
C ASP A 16 -12.97 -57.27 -39.11
N GLN A 17 -13.99 -56.40 -39.16
CA GLN A 17 -14.48 -55.83 -40.43
C GLN A 17 -13.35 -55.24 -41.25
N LEU A 18 -12.34 -54.74 -40.55
CA LEU A 18 -11.18 -54.14 -41.19
C LEU A 18 -10.36 -55.18 -41.92
N LEU A 19 -10.10 -56.30 -41.25
CA LEU A 19 -9.27 -57.36 -41.81
C LEU A 19 -9.84 -57.94 -43.11
N GLN A 20 -11.17 -58.09 -43.15
CA GLN A 20 -11.84 -58.61 -44.35
C GLN A 20 -12.06 -57.54 -45.43
N GLY A 21 -11.22 -56.49 -45.38
CA GLY A 21 -11.11 -55.49 -46.44
C GLY A 21 -12.16 -54.40 -46.56
N HIS A 22 -13.11 -54.35 -45.62
CA HIS A 22 -14.13 -53.30 -45.60
C HIS A 22 -13.61 -51.97 -45.04
N TYR A 23 -14.36 -50.89 -45.30
CA TYR A 23 -13.98 -49.56 -44.84
C TYR A 23 -14.57 -49.18 -43.48
N ILE A 24 -13.70 -48.89 -42.50
CA ILE A 24 -14.13 -48.31 -41.22
C ILE A 24 -13.64 -46.88 -41.14
N LYS A 25 -14.51 -45.96 -40.71
CA LYS A 25 -14.19 -44.53 -40.70
C LYS A 25 -12.92 -44.20 -39.92
N GLY A 26 -12.02 -43.46 -40.55
CA GLY A 26 -10.76 -43.06 -39.93
C GLY A 26 -9.63 -44.07 -40.03
N TYR A 27 -9.86 -45.17 -40.76
CA TYR A 27 -8.78 -46.07 -41.14
C TYR A 27 -8.65 -45.94 -42.64
N PRO A 28 -7.66 -45.15 -43.10
CA PRO A 28 -7.56 -44.82 -44.53
C PRO A 28 -7.50 -46.07 -45.40
N LYS A 29 -8.28 -46.10 -46.49
CA LYS A 29 -8.48 -47.32 -47.30
C LYS A 29 -7.26 -47.80 -48.05
N GLN A 30 -6.38 -46.87 -48.40
CA GLN A 30 -5.24 -47.15 -49.27
C GLN A 30 -4.10 -47.95 -48.61
N TYR A 31 -4.26 -48.33 -47.35
CA TYR A 31 -3.24 -49.13 -46.66
C TYR A 31 -3.75 -50.52 -46.44
N THR A 32 -2.87 -51.50 -46.49
CA THR A 32 -3.31 -52.88 -46.29
C THR A 32 -3.16 -53.30 -44.81
N TYR A 33 -4.28 -53.72 -44.23
CA TYR A 33 -4.34 -54.16 -42.84
C TYR A 33 -4.33 -55.69 -42.77
N PHE A 34 -3.32 -56.26 -42.14
CA PHE A 34 -3.21 -57.72 -42.07
C PHE A 34 -3.17 -58.30 -40.65
N LEU A 35 -2.93 -59.60 -40.55
CA LEU A 35 -2.80 -60.29 -39.25
C LEU A 35 -1.42 -60.96 -39.18
N GLU A 36 -0.87 -61.05 -37.97
CA GLU A 36 0.48 -61.59 -37.76
C GLU A 36 0.74 -61.70 -36.25
N ASP A 37 1.00 -62.92 -35.78
CA ASP A 37 1.27 -63.20 -34.36
C ASP A 37 0.07 -62.90 -33.45
N GLY A 38 -1.13 -63.02 -34.00
CA GLY A 38 -2.37 -62.81 -33.24
C GLY A 38 -2.74 -61.35 -33.11
N LYS A 39 -2.10 -60.51 -33.91
CA LYS A 39 -2.20 -59.06 -33.78
C LYS A 39 -2.50 -58.36 -35.12
N VAL A 40 -3.47 -57.46 -35.13
CA VAL A 40 -3.76 -56.66 -36.31
C VAL A 40 -2.60 -55.71 -36.59
N LYS A 41 -2.15 -55.65 -37.84
CA LYS A 41 -1.04 -54.76 -38.20
C LYS A 41 -1.37 -53.96 -39.44
N VAL A 42 -0.51 -52.99 -39.76
CA VAL A 42 -0.68 -52.16 -40.96
C VAL A 42 0.66 -51.63 -41.42
N SER A 43 0.81 -51.54 -42.73
CA SER A 43 2.07 -51.11 -43.31
C SER A 43 2.02 -49.62 -43.63
N ARG A 44 2.60 -48.81 -42.76
CA ARG A 44 2.57 -47.37 -42.93
C ARG A 44 3.93 -46.87 -43.41
N PRO A 45 3.95 -45.70 -44.09
CA PRO A 45 5.21 -45.16 -44.59
C PRO A 45 6.42 -45.37 -43.66
N GLU A 46 6.27 -45.12 -42.36
CA GLU A 46 7.40 -45.26 -41.42
C GLU A 46 7.74 -46.73 -41.09
N GLY A 47 6.81 -47.63 -41.40
CA GLY A 47 6.97 -49.05 -41.10
C GLY A 47 5.67 -49.72 -40.66
N VAL A 48 5.79 -50.92 -40.11
CA VAL A 48 4.66 -51.74 -39.76
C VAL A 48 4.31 -51.52 -38.29
N LYS A 49 3.08 -51.11 -38.03
CA LYS A 49 2.66 -50.82 -36.67
C LYS A 49 1.50 -51.69 -36.30
N ILE A 50 1.42 -52.04 -35.02
CA ILE A 50 0.31 -52.76 -34.48
C ILE A 50 -0.89 -51.82 -34.27
N ILE A 51 -2.07 -52.23 -34.75
CA ILE A 51 -3.28 -51.52 -34.41
C ILE A 51 -3.89 -52.24 -33.25
N PRO A 52 -3.87 -51.63 -32.06
CA PRO A 52 -4.56 -52.32 -30.97
C PRO A 52 -6.06 -52.07 -31.01
N PRO A 53 -6.84 -52.98 -30.40
CA PRO A 53 -8.28 -52.81 -30.22
C PRO A 53 -8.54 -51.57 -29.38
N GLN A 54 -9.61 -50.83 -29.71
CA GLN A 54 -9.97 -49.62 -28.98
C GLN A 54 -9.88 -49.81 -27.48
N SER A 55 -10.29 -50.99 -27.00
CA SER A 55 -10.41 -51.23 -25.56
C SER A 55 -9.07 -51.34 -24.89
N ASP A 56 -8.01 -51.38 -25.69
CA ASP A 56 -6.64 -51.49 -25.21
C ASP A 56 -5.90 -50.16 -25.23
N ARG A 57 -6.44 -49.20 -25.96
CA ARG A 57 -5.74 -47.97 -26.25
C ARG A 57 -5.49 -47.06 -25.04
N GLN A 58 -6.44 -46.98 -24.12
CA GLN A 58 -6.25 -46.11 -22.98
C GLN A 58 -5.07 -46.59 -22.12
N LYS A 59 -4.93 -47.90 -21.98
CA LYS A 59 -3.86 -48.51 -21.18
C LYS A 59 -2.48 -48.27 -21.78
N ILE A 60 -2.42 -48.32 -23.12
CA ILE A 60 -1.21 -48.01 -23.85
C ILE A 60 -0.79 -46.55 -23.65
N VAL A 61 -1.68 -45.62 -23.94
CA VAL A 61 -1.41 -44.19 -23.77
C VAL A 61 -0.91 -43.89 -22.35
N LEU A 62 -1.51 -44.55 -21.38
CA LEU A 62 -1.21 -44.32 -20.00
C LEU A 62 0.16 -44.87 -19.64
N GLN A 63 0.51 -46.01 -20.22
CA GLN A 63 1.79 -46.64 -19.93
C GLN A 63 2.88 -45.79 -20.54
N ALA A 64 2.65 -45.30 -21.75
CA ALA A 64 3.60 -44.45 -22.43
C ALA A 64 3.78 -43.18 -21.61
N HIS A 65 2.67 -42.54 -21.26
CA HIS A 65 2.72 -41.29 -20.52
C HIS A 65 3.46 -41.46 -19.21
N ASN A 66 3.15 -42.54 -18.47
CA ASN A 66 3.73 -42.72 -17.12
C ASN A 66 5.25 -42.98 -17.04
N LEU A 67 5.90 -43.24 -18.18
CA LEU A 67 7.30 -43.60 -18.16
C LEU A 67 8.06 -42.43 -17.54
N ALA A 68 7.80 -41.24 -18.07
CA ALA A 68 8.39 -40.04 -17.51
C ALA A 68 7.38 -38.91 -17.33
N HIS A 69 6.08 -39.22 -17.35
CA HIS A 69 5.02 -38.20 -17.30
C HIS A 69 5.24 -37.09 -18.32
N THR A 70 5.44 -37.53 -19.56
CA THR A 70 5.70 -36.66 -20.68
C THR A 70 4.43 -35.98 -21.21
N GLY A 71 4.61 -34.87 -21.92
CA GLY A 71 3.52 -34.13 -22.53
C GLY A 71 3.12 -34.72 -23.85
N ARG A 72 2.48 -33.93 -24.69
CA ARG A 72 1.80 -34.44 -25.89
C ARG A 72 2.75 -35.19 -26.82
N GLU A 73 3.68 -34.48 -27.43
CA GLU A 73 4.61 -35.07 -28.39
C GLU A 73 5.53 -36.18 -27.82
N ALA A 74 6.14 -35.96 -26.66
CA ALA A 74 7.05 -36.96 -26.12
C ALA A 74 6.32 -38.27 -25.74
N THR A 75 5.07 -38.17 -25.27
CA THR A 75 4.22 -39.35 -25.14
C THR A 75 3.91 -39.94 -26.51
N LEU A 76 3.47 -39.12 -27.47
CA LEU A 76 3.11 -39.70 -28.76
C LEU A 76 4.27 -40.48 -29.41
N LEU A 77 5.47 -39.91 -29.34
CA LEU A 77 6.65 -40.50 -29.97
C LEU A 77 6.98 -41.90 -29.42
N LYS A 78 6.72 -42.14 -28.13
CA LYS A 78 6.85 -43.47 -27.57
C LYS A 78 5.82 -44.40 -28.19
N ILE A 79 4.56 -44.00 -28.16
CA ILE A 79 3.49 -44.85 -28.68
C ILE A 79 3.76 -45.18 -30.14
N ALA A 80 4.12 -44.18 -30.95
CA ALA A 80 4.25 -44.39 -32.38
C ALA A 80 5.34 -45.39 -32.71
N ASN A 81 6.21 -45.69 -31.75
CA ASN A 81 7.27 -46.66 -31.97
C ASN A 81 6.76 -48.07 -32.26
N LEU A 82 5.62 -48.41 -31.66
CA LEU A 82 5.00 -49.70 -31.80
C LEU A 82 3.64 -49.64 -32.49
N TYR A 83 2.83 -48.64 -32.16
CA TYR A 83 1.44 -48.63 -32.60
C TYR A 83 1.03 -47.56 -33.58
N TRP A 84 -0.11 -47.81 -34.21
CA TRP A 84 -0.83 -46.80 -34.94
C TRP A 84 -2.30 -47.05 -34.72
N TRP A 85 -3.08 -45.97 -34.64
CA TRP A 85 -4.53 -46.03 -34.71
C TRP A 85 -5.05 -44.64 -35.06
N PRO A 86 -6.36 -44.48 -35.35
CA PRO A 86 -6.83 -43.15 -35.77
C PRO A 86 -6.76 -42.14 -34.65
N ASN A 87 -6.24 -40.96 -34.95
CA ASN A 87 -6.28 -39.81 -34.04
C ASN A 87 -5.65 -40.12 -32.68
N MET A 88 -4.38 -40.49 -32.71
CA MET A 88 -3.71 -40.89 -31.49
C MET A 88 -3.57 -39.76 -30.48
N ARG A 89 -3.20 -38.58 -30.97
CA ARG A 89 -3.03 -37.43 -30.09
C ARG A 89 -4.31 -37.10 -29.33
N LYS A 90 -5.48 -37.30 -29.95
CA LYS A 90 -6.73 -37.10 -29.21
C LYS A 90 -6.78 -37.92 -27.93
N ASP A 91 -6.34 -39.17 -28.02
CA ASP A 91 -6.28 -40.01 -26.84
C ASP A 91 -5.13 -39.67 -25.89
N VAL A 92 -4.03 -39.14 -26.43
CA VAL A 92 -2.94 -38.70 -25.60
C VAL A 92 -3.41 -37.51 -24.77
N VAL A 93 -4.00 -36.52 -25.44
CA VAL A 93 -4.43 -35.31 -24.77
C VAL A 93 -5.49 -35.62 -23.73
N LYS A 94 -6.35 -36.59 -24.03
CA LYS A 94 -7.35 -37.01 -23.06
C LYS A 94 -6.68 -37.45 -21.75
N GLN A 95 -5.59 -38.21 -21.83
CA GLN A 95 -4.90 -38.67 -20.63
C GLN A 95 -4.17 -37.57 -19.88
N LEU A 96 -3.55 -36.66 -20.63
CA LEU A 96 -2.86 -35.53 -20.05
C LEU A 96 -3.81 -34.68 -19.20
N GLY A 97 -5.01 -34.44 -19.73
CA GLY A 97 -6.06 -33.73 -19.01
C GLY A 97 -6.55 -34.43 -17.75
N ARG A 98 -6.27 -35.74 -17.60
CA ARG A 98 -6.67 -36.50 -16.42
C ARG A 98 -5.51 -36.87 -15.49
N CYS A 99 -4.28 -36.56 -15.89
CA CYS A 99 -3.18 -36.89 -15.00
C CYS A 99 -3.03 -35.83 -13.89
N GLN A 100 -3.58 -36.10 -12.73
CA GLN A 100 -3.51 -35.15 -11.63
C GLN A 100 -2.07 -34.70 -11.39
N GLN A 101 -1.12 -35.63 -11.45
CA GLN A 101 0.29 -35.30 -11.21
C GLN A 101 0.86 -34.31 -12.18
N CYS A 102 0.53 -34.44 -13.47
CA CYS A 102 1.08 -33.51 -14.45
C CYS A 102 0.46 -32.14 -14.26
N LEU A 103 -0.84 -32.14 -13.97
CA LEU A 103 -1.59 -30.90 -13.86
C LEU A 103 -1.11 -30.01 -12.71
N ILE A 104 -0.66 -30.61 -11.61
CA ILE A 104 -0.29 -29.84 -10.45
C ILE A 104 1.22 -29.62 -10.34
N THR A 105 1.99 -30.38 -11.11
CA THR A 105 3.44 -30.21 -11.14
C THR A 105 3.96 -29.36 -12.29
N ASN A 106 3.39 -29.50 -13.50
CA ASN A 106 3.94 -28.77 -14.64
C ASN A 106 3.85 -27.25 -14.52
N ALA A 107 4.73 -26.55 -15.23
CA ALA A 107 4.64 -25.10 -15.31
C ALA A 107 3.59 -24.75 -16.34
N SER A 108 3.07 -23.52 -16.28
CA SER A 108 2.22 -22.95 -17.31
C SER A 108 3.09 -22.47 -18.46
N ASN A 109 2.56 -22.44 -19.66
CA ASN A 109 3.28 -21.77 -20.72
C ASN A 109 2.42 -20.67 -21.36
N LYS A 110 1.50 -20.12 -20.59
CA LYS A 110 0.69 -18.96 -21.01
C LYS A 110 0.91 -17.82 -20.00
N ALA A 111 1.24 -16.64 -20.51
CA ALA A 111 1.47 -15.49 -19.65
C ALA A 111 0.15 -14.84 -19.24
N SER A 112 0.19 -14.10 -18.13
CA SER A 112 -0.92 -13.20 -17.75
C SER A 112 -1.21 -12.11 -18.78
N GLY A 113 -2.47 -11.70 -18.84
CA GLY A 113 -2.85 -10.53 -19.63
C GLY A 113 -2.18 -9.28 -19.07
N PRO A 114 -2.13 -8.21 -19.86
CA PRO A 114 -1.34 -7.03 -19.44
C PRO A 114 -1.86 -6.43 -18.14
N ILE A 115 -0.97 -5.82 -17.37
CA ILE A 115 -1.35 -5.18 -16.10
C ILE A 115 -2.35 -4.02 -16.25
N LEU A 116 -3.19 -3.83 -15.24
CA LEU A 116 -4.02 -2.61 -15.12
C LEU A 116 -3.22 -1.47 -14.53
N ARG A 117 -3.49 -0.26 -14.99
CA ARG A 117 -2.95 0.92 -14.33
C ARG A 117 -4.08 1.66 -13.60
N PRO A 118 -4.40 1.25 -12.37
CA PRO A 118 -5.52 1.89 -11.67
C PRO A 118 -5.41 3.41 -11.65
N ASP A 119 -6.55 4.11 -11.68
CA ASP A 119 -6.55 5.57 -11.60
C ASP A 119 -5.88 6.06 -10.35
N ARG A 120 -5.10 7.14 -10.47
CA ARG A 120 -4.51 7.79 -9.31
C ARG A 120 -5.64 8.27 -8.44
N PRO A 121 -5.57 8.01 -7.14
CA PRO A 121 -6.55 8.57 -6.20
C PRO A 121 -6.77 10.03 -6.51
N GLN A 122 -8.02 10.48 -6.52
CA GLN A 122 -8.31 11.87 -6.87
C GLN A 122 -7.74 12.92 -5.90
N LYS A 123 -7.79 12.66 -4.60
CA LYS A 123 -7.33 13.65 -3.65
C LYS A 123 -6.27 13.13 -2.68
N PRO A 124 -5.41 14.02 -2.15
CA PRO A 124 -4.62 13.64 -1.01
C PRO A 124 -5.55 13.12 0.05
N PHE A 125 -5.14 12.03 0.70
CA PHE A 125 -5.88 11.36 1.76
C PHE A 125 -7.04 10.47 1.33
N ASP A 126 -7.26 10.39 0.01
CA ASP A 126 -8.27 9.42 -0.47
C ASP A 126 -7.85 8.01 -0.18
N LYS A 127 -6.55 7.70 -0.42
CA LYS A 127 -6.02 6.34 -0.22
C LYS A 127 -4.56 6.32 0.22
N PHE A 128 -4.31 5.67 1.35
CA PHE A 128 -2.94 5.40 1.80
C PHE A 128 -2.55 4.00 1.40
N PHE A 129 -1.30 3.82 0.96
CA PHE A 129 -0.67 2.50 0.78
C PHE A 129 0.40 2.38 1.88
N ILE A 130 0.32 1.30 2.66
CA ILE A 130 1.23 1.06 3.73
C ILE A 130 1.91 -0.32 3.65
N ASP A 131 3.15 -0.40 4.13
CA ASP A 131 3.89 -1.63 4.05
C ASP A 131 5.02 -1.55 5.03
N TYR A 132 5.63 -2.69 5.32
CA TYR A 132 6.84 -2.72 6.11
C TYR A 132 8.04 -3.04 5.25
N ILE A 133 9.15 -2.40 5.59
CA ILE A 133 10.47 -2.80 5.15
C ILE A 133 11.21 -3.43 6.32
N GLY A 134 11.96 -4.50 6.07
CA GLY A 134 12.87 -5.07 7.08
C GLY A 134 12.81 -6.58 7.15
N PRO A 135 13.57 -7.20 8.06
CA PRO A 135 14.47 -6.57 9.06
C PRO A 135 15.70 -5.89 8.47
N LEU A 136 16.02 -4.71 9.02
CA LEU A 136 17.22 -3.97 8.71
C LEU A 136 18.28 -4.25 9.79
N PRO A 137 19.55 -3.83 9.56
CA PRO A 137 20.47 -4.03 10.67
C PRO A 137 20.02 -3.21 11.91
N PRO A 138 20.12 -3.78 13.12
CA PRO A 138 19.65 -3.09 14.32
C PRO A 138 20.23 -1.70 14.43
N SER A 139 19.35 -0.73 14.67
CA SER A 139 19.73 0.65 14.85
C SER A 139 18.87 1.20 15.98
N GLN A 140 19.53 1.63 17.07
CA GLN A 140 18.87 2.08 18.30
C GLN A 140 17.78 1.12 18.78
N GLY A 141 17.95 -0.18 18.51
CA GLY A 141 16.96 -1.16 18.92
C GLY A 141 15.88 -1.41 17.90
N TYR A 142 15.90 -0.65 16.81
CA TYR A 142 14.88 -0.75 15.77
C TYR A 142 15.32 -1.62 14.61
N LEU A 143 14.36 -2.30 13.96
CA LEU A 143 14.66 -3.28 12.94
C LEU A 143 13.79 -3.13 11.71
N TYR A 144 12.70 -2.37 11.82
CA TYR A 144 11.81 -2.25 10.68
C TYR A 144 11.43 -0.81 10.41
N VAL A 145 10.79 -0.59 9.26
CA VAL A 145 10.23 0.70 8.96
C VAL A 145 8.82 0.50 8.44
N LEU A 146 7.89 1.20 9.09
CA LEU A 146 6.55 1.38 8.54
C LEU A 146 6.60 2.51 7.52
N VAL A 147 6.13 2.22 6.31
CA VAL A 147 6.12 3.19 5.25
C VAL A 147 4.67 3.44 4.82
N VAL A 148 4.28 4.71 4.84
CA VAL A 148 2.95 5.13 4.47
C VAL A 148 3.04 6.10 3.31
N VAL A 149 2.38 5.76 2.20
CA VAL A 149 2.46 6.57 1.00
C VAL A 149 1.07 7.03 0.58
N ASP A 150 0.90 8.33 0.40
CA ASP A 150 -0.38 8.84 -0.01
C ASP A 150 -0.49 8.61 -1.52
N GLY A 151 -1.56 7.95 -1.93
CA GLY A 151 -1.75 7.56 -3.32
C GLY A 151 -1.69 8.71 -4.31
N MET A 152 -2.34 9.82 -3.98
CA MET A 152 -2.45 10.89 -4.95
C MET A 152 -1.13 11.61 -5.13
N THR A 153 -0.48 11.94 -4.01
CA THR A 153 0.68 12.84 -4.01
C THR A 153 2.03 12.12 -4.03
N GLY A 154 2.05 10.90 -3.50
CA GLY A 154 3.30 10.19 -3.28
C GLY A 154 3.97 10.64 -2.01
N PHE A 155 3.33 11.56 -1.28
CA PHE A 155 3.90 12.03 -0.02
C PHE A 155 3.99 10.84 0.93
N THR A 156 5.14 10.71 1.58
CA THR A 156 5.50 9.51 2.35
C THR A 156 5.86 9.81 3.78
N TRP A 157 5.43 8.93 4.69
CA TRP A 157 5.81 9.06 6.09
C TRP A 157 6.52 7.82 6.49
N LEU A 158 7.57 7.96 7.29
CA LEU A 158 8.35 6.82 7.72
C LEU A 158 8.33 6.69 9.24
N TYR A 159 8.12 5.47 9.75
CA TYR A 159 8.21 5.22 11.18
C TYR A 159 9.07 3.98 11.52
N PRO A 160 10.13 4.17 12.31
CA PRO A 160 10.94 3.05 12.74
C PRO A 160 10.17 2.20 13.75
N THR A 161 10.22 0.88 13.60
CA THR A 161 9.60 -0.01 14.58
C THR A 161 10.55 -1.12 15.01
N LYS A 162 10.15 -1.87 16.03
CA LYS A 162 10.94 -2.98 16.54
C LYS A 162 10.43 -4.28 15.97
N ALA A 163 9.21 -4.24 15.41
CA ALA A 163 8.56 -5.39 14.81
C ALA A 163 7.51 -4.95 13.78
N PRO A 164 7.21 -5.80 12.77
CA PRO A 164 6.14 -5.44 11.87
C PRO A 164 4.79 -5.81 12.48
N SER A 165 4.50 -5.19 13.63
CA SER A 165 3.33 -5.56 14.46
C SER A 165 2.16 -4.61 14.32
N THR A 166 0.96 -5.12 14.63
CA THR A 166 -0.22 -4.28 14.70
C THR A 166 0.00 -3.16 15.73
N SER A 167 0.52 -3.49 16.91
CA SER A 167 0.64 -2.46 17.94
C SER A 167 1.48 -1.30 17.44
N ALA A 168 2.60 -1.61 16.80
CA ALA A 168 3.46 -0.53 16.30
C ALA A 168 2.81 0.19 15.12
N THR A 169 2.02 -0.54 14.34
CA THR A 169 1.29 0.09 13.24
C THR A 169 0.29 1.12 13.78
N VAL A 170 -0.45 0.72 14.81
CA VAL A 170 -1.46 1.59 15.43
C VAL A 170 -0.80 2.82 16.09
N LYS A 171 0.25 2.62 16.89
CA LYS A 171 0.97 3.75 17.46
C LYS A 171 1.37 4.73 16.36
N SER A 172 1.94 4.24 15.27
CA SER A 172 2.47 5.11 14.22
C SER A 172 1.36 5.84 13.52
N LEU A 173 0.27 5.15 13.26
CA LEU A 173 -0.83 5.77 12.52
C LEU A 173 -1.67 6.74 13.38
N ASN A 174 -1.69 6.55 14.69
CA ASN A 174 -2.27 7.56 15.57
C ASN A 174 -1.50 8.86 15.42
N VAL A 175 -0.17 8.79 15.37
CA VAL A 175 0.59 10.03 15.12
C VAL A 175 0.29 10.60 13.73
N LEU A 176 0.23 9.75 12.70
CA LEU A 176 0.06 10.28 11.34
C LEU A 176 -1.31 10.90 11.17
N THR A 177 -2.33 10.22 11.69
CA THR A 177 -3.70 10.64 11.47
C THR A 177 -4.12 11.82 12.34
N SER A 178 -3.22 12.27 13.22
CA SER A 178 -3.29 13.62 13.78
C SER A 178 -3.34 14.68 12.70
N ILE A 179 -2.72 14.46 11.54
CA ILE A 179 -2.72 15.49 10.49
C ILE A 179 -4.08 15.44 9.71
N ALA A 180 -4.44 14.24 9.27
CA ALA A 180 -5.64 14.01 8.48
C ALA A 180 -5.99 12.52 8.58
N ILE A 181 -7.23 12.18 8.28
CA ILE A 181 -7.69 10.80 8.33
C ILE A 181 -7.97 10.44 6.90
N PRO A 182 -7.47 9.28 6.43
CA PRO A 182 -7.60 8.94 5.02
C PRO A 182 -8.90 8.18 4.80
N LYS A 183 -9.49 8.23 3.61
CA LYS A 183 -10.71 7.42 3.36
C LYS A 183 -10.40 5.92 3.44
N VAL A 184 -9.38 5.50 2.69
CA VAL A 184 -9.03 4.09 2.53
C VAL A 184 -7.55 3.89 2.85
N ILE A 185 -7.23 2.82 3.58
CA ILE A 185 -5.85 2.38 3.70
C ILE A 185 -5.71 1.03 2.99
N HIS A 186 -4.90 1.00 1.94
CA HIS A 186 -4.56 -0.24 1.23
C HIS A 186 -3.29 -0.88 1.75
N SER A 187 -3.37 -2.15 2.11
CA SER A 187 -2.18 -2.89 2.47
C SER A 187 -2.13 -4.29 1.85
N ASP A 188 -0.97 -4.94 2.00
CA ASP A 188 -0.85 -6.37 1.67
C ASP A 188 -1.33 -7.17 2.88
N GLN A 189 -1.22 -8.50 2.79
CA GLN A 189 -1.73 -9.36 3.83
C GLN A 189 -0.72 -9.71 4.89
N GLY A 190 0.23 -8.81 5.12
CA GLY A 190 1.10 -8.94 6.29
C GLY A 190 0.33 -9.13 7.61
N ALA A 191 0.92 -9.87 8.55
CA ALA A 191 0.24 -10.17 9.81
C ALA A 191 -0.28 -8.91 10.53
N ALA A 192 0.48 -7.83 10.47
CA ALA A 192 0.12 -6.60 11.18
C ALA A 192 -1.15 -5.91 10.67
N PHE A 193 -1.51 -6.15 9.41
CA PHE A 193 -2.59 -5.42 8.80
C PHE A 193 -3.91 -6.19 8.80
N THR A 194 -3.80 -7.51 9.02
CA THR A 194 -4.95 -8.40 8.85
C THR A 194 -5.55 -8.80 10.19
N SER A 195 -4.89 -8.45 11.29
CA SER A 195 -5.37 -8.73 12.63
C SER A 195 -6.68 -8.00 12.89
N SER A 196 -7.48 -8.53 13.82
CA SER A 196 -8.77 -7.92 14.10
C SER A 196 -8.56 -6.65 14.92
N THR A 197 -7.52 -6.62 15.74
CA THR A 197 -7.17 -5.36 16.40
C THR A 197 -7.02 -4.23 15.39
N PHE A 198 -6.29 -4.43 14.29
CA PHE A 198 -6.09 -3.37 13.32
C PHE A 198 -7.40 -3.03 12.63
N ALA A 199 -8.23 -4.03 12.40
CA ALA A 199 -9.54 -3.82 11.75
C ALA A 199 -10.42 -2.89 12.60
N GLU A 200 -10.38 -3.11 13.92
CA GLU A 200 -11.13 -2.32 14.90
C GLU A 200 -10.62 -0.91 14.86
N TRP A 201 -9.30 -0.77 14.91
CA TRP A 201 -8.68 0.53 14.90
C TRP A 201 -9.21 1.35 13.73
N ALA A 202 -9.32 0.72 12.56
CA ALA A 202 -9.79 1.43 11.37
C ALA A 202 -11.29 1.77 11.43
N LYS A 203 -12.07 0.83 11.94
CA LYS A 203 -13.52 1.03 12.08
C LYS A 203 -13.84 2.20 13.01
N GLU A 204 -13.18 2.23 14.18
CA GLU A 204 -13.22 3.36 15.09
C GLU A 204 -13.03 4.67 14.39
N ARG A 205 -12.35 4.70 13.24
CA ARG A 205 -12.05 5.98 12.62
C ARG A 205 -12.71 6.19 11.29
N GLY A 206 -13.56 5.25 10.91
CA GLY A 206 -14.29 5.37 9.65
C GLY A 206 -13.40 5.15 8.45
N ILE A 207 -12.21 4.58 8.67
CA ILE A 207 -11.23 4.25 7.62
C ILE A 207 -11.54 2.88 7.01
N HIS A 208 -11.70 2.82 5.69
CA HIS A 208 -11.89 1.53 5.00
C HIS A 208 -10.57 0.80 4.73
N LEU A 209 -10.44 -0.45 5.22
CA LEU A 209 -9.26 -1.27 4.93
C LEU A 209 -9.38 -2.06 3.63
N GLU A 210 -8.36 -1.97 2.79
CA GLU A 210 -8.40 -2.56 1.46
C GLU A 210 -7.18 -3.43 1.35
N PHE A 211 -7.37 -4.71 1.00
CA PHE A 211 -6.22 -5.64 0.98
C PHE A 211 -5.80 -6.09 -0.42
N SER A 212 -4.51 -6.19 -0.65
CA SER A 212 -4.05 -6.80 -1.89
C SER A 212 -4.47 -8.25 -1.93
N THR A 213 -4.66 -8.78 -3.13
CA THR A 213 -4.76 -10.22 -3.30
C THR A 213 -3.50 -10.83 -2.73
N PRO A 214 -3.58 -12.09 -2.30
CA PRO A 214 -2.44 -12.66 -1.55
C PRO A 214 -1.21 -12.91 -2.44
N TYR A 215 -0.03 -12.82 -1.83
CA TYR A 215 1.25 -13.07 -2.51
C TYR A 215 1.33 -12.36 -3.87
N HIS A 216 1.02 -11.07 -3.87
CA HIS A 216 1.01 -10.28 -5.09
C HIS A 216 1.43 -8.82 -4.77
N PRO A 217 2.73 -8.62 -4.45
CA PRO A 217 3.25 -7.32 -4.04
C PRO A 217 3.05 -6.21 -5.07
N GLN A 218 2.88 -6.53 -6.35
CA GLN A 218 2.57 -5.51 -7.34
C GLN A 218 1.33 -4.69 -6.95
N SER A 219 0.43 -5.31 -6.17
CA SER A 219 -0.84 -4.70 -5.80
C SER A 219 -0.61 -3.56 -4.83
N SER A 220 0.43 -3.70 -3.99
CA SER A 220 0.95 -2.59 -3.22
C SER A 220 2.06 -1.80 -3.94
N GLY A 221 2.11 -1.89 -5.27
CA GLY A 221 3.12 -1.18 -6.06
C GLY A 221 3.46 0.26 -5.68
N LYS A 222 2.47 1.07 -5.33
CA LYS A 222 2.69 2.44 -4.90
C LYS A 222 3.70 2.56 -3.76
N VAL A 223 3.49 1.78 -2.69
CA VAL A 223 4.38 1.89 -1.55
C VAL A 223 5.64 1.10 -1.80
N GLU A 224 5.51 -0.08 -2.44
CA GLU A 224 6.65 -0.95 -2.73
C GLU A 224 7.68 -0.12 -3.47
N ARG A 225 7.22 0.68 -4.44
CA ARG A 225 8.16 1.38 -5.31
C ARG A 225 8.87 2.46 -4.52
N LYS A 226 8.18 2.97 -3.50
CA LYS A 226 8.76 3.99 -2.64
C LYS A 226 9.81 3.34 -1.70
N ASN A 227 9.52 2.11 -1.26
CA ASN A 227 10.50 1.31 -0.55
C ASN A 227 11.86 1.26 -1.28
N SER A 228 11.82 1.00 -2.58
CA SER A 228 13.01 1.02 -3.36
C SER A 228 13.78 2.34 -3.15
N ASP A 229 13.13 3.48 -3.38
CA ASP A 229 13.87 4.73 -3.27
C ASP A 229 14.41 4.93 -1.84
N ILE A 230 13.63 4.46 -0.84
CA ILE A 230 13.97 4.69 0.54
C ILE A 230 15.27 3.93 0.80
N LYS A 231 15.32 2.68 0.33
CA LYS A 231 16.50 1.86 0.55
C LYS A 231 17.67 2.39 -0.25
N ARG A 232 17.41 2.83 -1.48
CA ARG A 232 18.47 3.34 -2.31
C ARG A 232 19.13 4.57 -1.67
N LEU A 233 18.35 5.47 -1.07
CA LEU A 233 18.90 6.69 -0.49
C LEU A 233 19.67 6.39 0.79
N LEU A 234 19.10 5.51 1.62
CA LEU A 234 19.73 5.10 2.84
C LEU A 234 21.07 4.46 2.52
N THR A 235 21.10 3.58 1.52
CA THR A 235 22.34 2.94 1.14
C THR A 235 23.39 3.99 0.78
N LYS A 236 23.04 4.95 -0.09
CA LYS A 236 24.00 5.98 -0.53
C LYS A 236 24.52 6.79 0.66
N LEU A 237 23.64 7.12 1.61
CA LEU A 237 24.06 7.94 2.74
C LEU A 237 24.89 7.14 3.72
N LEU A 238 24.78 5.82 3.66
CA LEU A 238 25.51 4.96 4.58
C LEU A 238 26.86 4.43 4.03
N VAL A 239 27.19 4.77 2.79
CA VAL A 239 28.40 4.26 2.16
C VAL A 239 29.60 4.63 3.04
N GLY A 240 30.47 3.64 3.31
CA GLY A 240 31.64 3.84 4.14
C GLY A 240 31.33 4.26 5.56
N ARG A 241 30.12 3.98 6.05
CA ARG A 241 29.78 4.20 7.45
C ARG A 241 29.07 2.98 7.98
N PRO A 242 29.09 2.80 9.31
CA PRO A 242 28.22 1.77 9.87
C PRO A 242 26.73 2.05 9.56
N THR A 243 25.95 0.99 9.42
CA THR A 243 24.56 1.13 8.99
C THR A 243 23.63 1.60 10.12
N LYS A 244 23.94 2.78 10.66
CA LYS A 244 23.13 3.50 11.66
C LYS A 244 22.01 4.32 11.00
N TRP A 245 20.93 3.64 10.60
CA TRP A 245 19.92 4.24 9.74
C TRP A 245 18.80 5.01 10.48
N TYR A 246 18.66 4.76 11.77
CA TYR A 246 17.57 5.35 12.55
C TYR A 246 17.53 6.88 12.47
N ASP A 247 18.67 7.50 12.70
CA ASP A 247 18.80 8.95 12.64
C ASP A 247 18.72 9.49 11.23
N LEU A 248 18.51 8.63 10.24
CA LEU A 248 18.44 9.16 8.89
C LEU A 248 17.03 9.10 8.35
N LEU A 249 16.18 8.28 8.94
CA LEU A 249 14.79 8.22 8.47
C LEU A 249 14.20 9.60 8.20
N PRO A 250 14.27 10.54 9.18
CA PRO A 250 13.71 11.88 8.96
C PRO A 250 14.31 12.60 7.74
N VAL A 251 15.62 12.55 7.60
CA VAL A 251 16.29 13.19 6.48
C VAL A 251 15.79 12.57 5.18
N VAL A 252 15.68 11.23 5.16
CA VAL A 252 15.26 10.55 3.95
C VAL A 252 13.83 10.93 3.59
N GLN A 253 12.91 10.82 4.55
CA GLN A 253 11.54 11.31 4.39
C GLN A 253 11.51 12.69 3.74
N LEU A 254 12.20 13.65 4.35
CA LEU A 254 12.13 14.99 3.83
C LEU A 254 12.76 15.04 2.44
N ALA A 255 13.89 14.35 2.26
CA ALA A 255 14.61 14.37 0.97
C ALA A 255 13.73 13.87 -0.16
N LEU A 256 13.06 12.74 0.07
CA LEU A 256 12.21 12.14 -0.98
C LEU A 256 10.91 12.92 -1.22
N ASN A 257 10.30 13.45 -0.15
CA ASN A 257 9.02 14.14 -0.29
C ASN A 257 9.24 15.40 -1.09
N ASN A 258 10.51 15.85 -1.16
CA ASN A 258 10.84 17.04 -1.92
C ASN A 258 11.63 16.79 -3.23
N THR A 259 11.69 15.54 -3.65
CA THR A 259 12.32 15.17 -4.91
C THR A 259 11.33 15.19 -6.08
N TYR A 260 11.78 15.69 -7.23
CA TYR A 260 10.93 15.82 -8.39
C TYR A 260 10.75 14.48 -9.03
N SER A 261 9.55 14.23 -9.53
CA SER A 261 9.34 13.13 -10.43
C SER A 261 9.49 13.70 -11.83
N PRO A 262 10.55 13.27 -12.56
CA PRO A 262 10.75 13.82 -13.90
C PRO A 262 9.51 13.72 -14.81
N VAL A 263 8.65 12.72 -14.64
CA VAL A 263 7.50 12.61 -15.54
C VAL A 263 6.37 13.55 -15.13
N LEU A 264 6.26 13.82 -13.83
CA LEU A 264 5.20 14.69 -13.35
C LEU A 264 5.62 16.17 -13.36
N LYS A 265 6.93 16.43 -13.18
CA LYS A 265 7.47 17.78 -12.94
C LYS A 265 7.06 18.37 -11.63
N TYR A 266 6.69 17.54 -10.67
CA TYR A 266 6.30 18.01 -9.36
C TYR A 266 6.86 17.09 -8.29
N THR A 267 7.01 17.60 -7.08
CA THR A 267 7.52 16.82 -5.96
C THR A 267 6.29 16.41 -5.19
N PRO A 268 6.39 15.33 -4.39
CA PRO A 268 5.19 14.96 -3.62
C PRO A 268 4.71 16.08 -2.68
N HIS A 269 5.67 16.85 -2.15
CA HIS A 269 5.36 17.99 -1.28
C HIS A 269 4.48 19.00 -2.04
N GLN A 270 4.88 19.33 -3.26
CA GLN A 270 4.14 20.26 -4.09
C GLN A 270 2.74 19.73 -4.41
N LEU A 271 2.62 18.45 -4.68
CA LEU A 271 1.29 17.91 -4.89
C LEU A 271 0.44 17.96 -3.62
N LEU A 272 1.07 17.94 -2.45
CA LEU A 272 0.29 17.93 -1.22
C LEU A 272 -0.09 19.34 -0.75
N PHE A 273 0.81 20.31 -0.94
CA PHE A 273 0.63 21.62 -0.34
C PHE A 273 0.45 22.72 -1.38
N GLY A 274 0.88 22.45 -2.61
CA GLY A 274 0.83 23.48 -3.65
C GLY A 274 1.88 24.57 -3.46
N ILE A 275 2.79 24.38 -2.51
CA ILE A 275 3.89 25.33 -2.34
C ILE A 275 5.09 24.76 -1.55
N ASP A 276 6.31 25.00 -2.00
CA ASP A 276 7.48 24.51 -1.25
C ASP A 276 7.61 25.16 0.11
N SER A 277 8.10 24.41 1.09
CA SER A 277 8.39 24.99 2.39
C SER A 277 9.83 25.49 2.37
N ASN A 278 10.37 25.80 3.53
CA ASN A 278 11.71 26.37 3.54
C ASN A 278 12.79 25.30 3.36
N THR A 279 12.83 24.69 2.18
CA THR A 279 13.83 23.68 1.91
C THR A 279 14.73 24.20 0.78
N PRO A 280 15.83 23.50 0.51
CA PRO A 280 16.74 24.03 -0.49
C PRO A 280 16.17 24.05 -1.89
N PHE A 281 16.45 25.11 -2.63
CA PHE A 281 16.00 25.22 -3.99
C PHE A 281 14.50 25.26 -4.09
N ALA A 282 13.85 25.87 -3.11
CA ALA A 282 12.39 25.99 -3.11
C ALA A 282 11.90 26.68 -4.37
N ASN A 283 10.81 26.19 -4.95
CA ASN A 283 10.23 26.82 -6.13
C ASN A 283 9.46 28.10 -5.74
N GLN A 284 9.54 29.14 -6.57
CA GLN A 284 9.03 30.46 -6.22
C GLN A 284 8.01 31.00 -7.21
N ASP A 285 7.64 30.18 -8.19
CA ASP A 285 6.72 30.64 -9.22
C ASP A 285 5.37 31.20 -8.77
N THR A 286 4.89 30.85 -7.58
CA THR A 286 3.59 31.37 -7.11
C THR A 286 3.70 32.43 -6.02
N LEU A 287 4.88 33.07 -5.97
CA LEU A 287 5.14 34.06 -4.94
C LEU A 287 4.10 35.19 -4.98
N ASP A 288 3.66 35.55 -6.19
CA ASP A 288 2.74 36.68 -6.37
C ASP A 288 1.27 36.28 -6.38
N LEU A 289 1.00 34.98 -6.24
CA LEU A 289 -0.37 34.53 -6.19
C LEU A 289 -0.87 34.59 -4.76
N THR A 290 -2.15 34.81 -4.58
CA THR A 290 -2.75 34.64 -3.27
C THR A 290 -2.79 33.14 -2.99
N ARG A 291 -2.86 32.77 -1.72
CA ARG A 291 -3.02 31.37 -1.39
C ARG A 291 -4.18 30.78 -2.21
N GLU A 292 -5.25 31.54 -2.33
CA GLU A 292 -6.46 31.05 -2.98
C GLU A 292 -6.20 30.83 -4.45
N GLU A 293 -5.52 31.78 -5.11
CA GLU A 293 -5.11 31.58 -6.49
C GLU A 293 -4.18 30.38 -6.63
N GLU A 294 -3.29 30.22 -5.64
CA GLU A 294 -2.38 29.10 -5.58
C GLU A 294 -3.10 27.76 -5.45
N LEU A 295 -4.08 27.67 -4.53
CA LEU A 295 -4.88 26.42 -4.35
C LEU A 295 -5.75 26.14 -5.56
N SER A 296 -5.88 27.15 -6.38
CA SER A 296 -6.71 27.07 -7.56
C SER A 296 -5.86 26.38 -8.60
N LEU A 297 -4.63 26.85 -8.76
CA LEU A 297 -3.65 26.27 -9.67
C LEU A 297 -3.28 24.85 -9.25
N LEU A 298 -3.24 24.59 -7.95
CA LEU A 298 -2.99 23.24 -7.45
C LEU A 298 -4.07 22.27 -7.90
N GLN A 299 -5.34 22.65 -7.77
CA GLN A 299 -6.43 21.75 -8.17
C GLN A 299 -6.34 21.40 -9.64
N GLU A 300 -5.91 22.37 -10.44
CA GLU A 300 -5.74 22.16 -11.85
C GLU A 300 -4.58 21.23 -12.12
N ILE A 301 -3.48 21.40 -11.39
CA ILE A 301 -2.29 20.58 -11.56
C ILE A 301 -2.59 19.16 -11.15
N ARG A 302 -3.30 18.98 -10.05
CA ARG A 302 -3.65 17.65 -9.60
C ARG A 302 -4.44 16.84 -10.61
N THR A 303 -5.31 17.50 -11.38
CA THR A 303 -6.16 16.73 -12.31
C THR A 303 -5.47 16.41 -13.62
N SER A 304 -4.52 17.24 -14.02
CA SER A 304 -3.89 17.07 -15.30
C SER A 304 -2.62 16.20 -15.28
N LEU A 305 -2.38 15.44 -14.22
CA LEU A 305 -1.15 14.63 -14.14
C LEU A 305 -1.15 13.47 -15.15
N TYR A 306 0.03 13.17 -15.69
CA TYR A 306 0.18 12.07 -16.62
C TYR A 306 -0.29 10.77 -15.99
N HIS A 307 -1.13 10.04 -16.71
CA HIS A 307 -1.48 8.71 -16.27
C HIS A 307 -1.20 7.65 -17.30
N PRO A 308 -0.47 6.58 -16.90
CA PRO A 308 -0.04 5.55 -17.87
C PRO A 308 -1.20 4.68 -18.37
N SER A 309 -1.04 4.07 -19.54
CA SER A 309 -2.06 3.10 -19.96
C SER A 309 -1.58 1.64 -19.96
N THR A 310 -2.54 0.74 -19.75
CA THR A 310 -2.38 -0.69 -19.91
C THR A 310 -1.47 -1.05 -21.11
N PRO A 311 -0.37 -1.79 -20.85
CA PRO A 311 0.61 -2.12 -21.90
C PRO A 311 0.05 -3.14 -22.88
N PRO A 312 0.70 -3.33 -24.04
CA PRO A 312 0.15 -4.36 -24.94
C PRO A 312 0.25 -5.76 -24.32
N ALA A 313 -0.75 -6.60 -24.55
CA ALA A 313 -0.71 -8.02 -24.11
C ALA A 313 0.46 -8.74 -24.76
N SER A 314 0.99 -9.76 -24.10
CA SER A 314 2.05 -10.55 -24.73
C SER A 314 1.37 -11.46 -25.74
N SER A 315 2.12 -12.00 -26.71
CA SER A 315 1.45 -12.80 -27.77
C SER A 315 0.79 -14.10 -27.30
N ARG A 316 1.05 -14.53 -26.06
CA ARG A 316 0.43 -15.74 -25.56
C ARG A 316 -0.04 -15.60 -24.12
N SER A 317 -0.86 -14.58 -23.90
CA SER A 317 -1.47 -14.32 -22.58
C SER A 317 -2.80 -15.04 -22.52
N TRP A 318 -3.32 -15.22 -21.32
CA TRP A 318 -4.66 -15.73 -21.17
C TRP A 318 -5.41 -14.75 -20.30
N SER A 319 -6.72 -14.69 -20.50
CA SER A 319 -7.58 -13.87 -19.63
C SER A 319 -8.67 -14.76 -19.09
N PRO A 320 -9.01 -14.58 -17.79
CA PRO A 320 -9.96 -15.44 -17.12
C PRO A 320 -11.42 -15.24 -17.61
N VAL A 321 -12.16 -16.34 -17.65
CA VAL A 321 -13.55 -16.40 -18.08
C VAL A 321 -14.31 -17.18 -16.99
N VAL A 322 -15.49 -16.69 -16.60
CA VAL A 322 -16.33 -17.34 -15.59
C VAL A 322 -16.53 -18.83 -15.91
N GLY A 323 -16.35 -19.70 -14.91
CA GLY A 323 -16.52 -21.13 -15.11
C GLY A 323 -15.32 -21.93 -15.62
N GLN A 324 -14.28 -21.23 -16.08
CA GLN A 324 -12.97 -21.79 -16.45
C GLN A 324 -12.31 -22.54 -15.30
N LEU A 325 -11.65 -23.66 -15.63
CA LEU A 325 -10.77 -24.33 -14.68
C LEU A 325 -9.41 -23.66 -14.67
N VAL A 326 -8.99 -23.25 -13.49
CA VAL A 326 -7.72 -22.57 -13.29
C VAL A 326 -7.10 -23.14 -12.03
N GLN A 327 -5.81 -22.92 -11.83
CA GLN A 327 -5.15 -23.44 -10.63
C GLN A 327 -4.35 -22.37 -9.91
N GLU A 328 -4.50 -22.33 -8.59
CA GLU A 328 -3.80 -21.36 -7.78
C GLU A 328 -2.41 -21.90 -7.47
N ARG A 329 -1.40 -21.03 -7.59
CA ARG A 329 -0.03 -21.37 -7.26
C ARG A 329 0.08 -21.69 -5.79
N VAL A 330 0.77 -22.76 -5.45
CA VAL A 330 1.05 -23.04 -4.04
C VAL A 330 1.97 -21.92 -3.50
N ALA A 331 1.64 -21.42 -2.31
CA ALA A 331 2.33 -20.25 -1.77
C ALA A 331 3.77 -20.54 -1.34
N ARG A 332 3.94 -21.48 -0.42
CA ARG A 332 5.28 -21.85 0.01
C ARG A 332 5.47 -23.36 -0.18
N PRO A 333 5.77 -23.79 -1.43
CA PRO A 333 5.75 -25.21 -1.71
C PRO A 333 6.97 -25.86 -1.14
N ALA A 334 6.75 -26.98 -0.47
CA ALA A 334 7.83 -27.77 0.10
C ALA A 334 8.70 -28.41 -0.99
N SER A 335 9.91 -28.78 -0.57
CA SER A 335 10.85 -29.40 -1.46
C SER A 335 10.22 -30.62 -2.13
N LEU A 336 10.33 -30.70 -3.45
CA LEU A 336 9.84 -31.87 -4.18
C LEU A 336 8.33 -32.03 -4.11
N ARG A 337 7.60 -30.94 -3.93
CA ARG A 337 6.13 -30.93 -3.93
C ARG A 337 5.58 -30.04 -5.05
N PRO A 338 4.36 -30.30 -5.48
CA PRO A 338 3.84 -29.53 -6.59
C PRO A 338 3.78 -28.04 -6.32
N ARG A 339 3.94 -27.24 -7.37
CA ARG A 339 3.90 -25.79 -7.30
C ARG A 339 2.46 -25.30 -7.57
N TRP A 340 1.56 -26.21 -7.93
CA TRP A 340 0.17 -25.81 -8.12
C TRP A 340 -0.84 -26.59 -7.30
N HIS A 341 -1.89 -25.92 -6.85
CA HIS A 341 -3.07 -26.58 -6.29
C HIS A 341 -3.91 -27.28 -7.35
N LYS A 342 -4.83 -28.14 -6.90
CA LYS A 342 -5.75 -28.86 -7.78
C LYS A 342 -6.62 -27.87 -8.52
N PRO A 343 -7.16 -28.28 -9.67
CA PRO A 343 -8.01 -27.35 -10.44
C PRO A 343 -9.22 -26.80 -9.65
N SER A 344 -9.54 -25.52 -9.91
CA SER A 344 -10.70 -24.87 -9.29
C SER A 344 -11.36 -23.97 -10.31
N THR A 345 -12.50 -23.39 -9.96
CA THR A 345 -13.35 -22.75 -10.99
C THR A 345 -13.45 -21.25 -10.75
N VAL A 346 -13.44 -20.49 -11.83
CA VAL A 346 -13.62 -19.05 -11.78
C VAL A 346 -15.10 -18.75 -11.54
N LEU A 347 -15.44 -18.27 -10.34
CA LEU A 347 -16.81 -17.84 -10.02
C LEU A 347 -17.07 -16.49 -10.63
N LYS A 348 -16.25 -15.50 -10.30
CA LYS A 348 -16.45 -14.16 -10.82
C LYS A 348 -15.14 -13.56 -11.31
N VAL A 349 -15.22 -12.86 -12.45
CA VAL A 349 -14.13 -12.03 -12.98
C VAL A 349 -14.31 -10.59 -12.47
N LEU A 350 -13.70 -10.24 -11.33
CA LEU A 350 -13.76 -8.88 -10.80
C LEU A 350 -13.18 -7.81 -11.74
N ASN A 351 -12.07 -8.13 -12.40
CA ASN A 351 -11.51 -7.31 -13.49
C ASN A 351 -10.61 -8.23 -14.26
N PRO A 352 -10.05 -7.78 -15.40
CA PRO A 352 -9.33 -8.75 -16.22
C PRO A 352 -8.07 -9.36 -15.56
N ARG A 353 -7.67 -8.86 -14.39
CA ARG A 353 -6.47 -9.31 -13.69
C ARG A 353 -6.77 -9.84 -12.28
N THR A 354 -8.04 -9.88 -11.90
CA THR A 354 -8.43 -10.32 -10.55
C THR A 354 -9.70 -11.16 -10.59
N VAL A 355 -9.70 -12.29 -9.90
CA VAL A 355 -10.86 -13.18 -9.91
C VAL A 355 -11.18 -13.78 -8.55
N VAL A 356 -12.42 -14.28 -8.45
CA VAL A 356 -12.86 -15.11 -7.34
C VAL A 356 -12.97 -16.55 -7.83
N ILE A 357 -12.38 -17.46 -7.06
CA ILE A 357 -12.40 -18.86 -7.40
C ILE A 357 -13.00 -19.68 -6.24
N LEU A 358 -13.61 -20.81 -6.59
CA LEU A 358 -14.04 -21.82 -5.61
C LEU A 358 -12.92 -22.86 -5.58
N ASP A 359 -12.28 -23.10 -4.44
N ASP A 359 -12.21 -22.86 -4.45
CA ASP A 359 -11.16 -24.04 -4.42
CA ASP A 359 -10.72 -22.85 -4.42
C ASP A 359 -11.42 -25.54 -4.78
C ASP A 359 -9.94 -24.12 -4.16
N HIS A 360 -12.56 -26.07 -4.33
N HIS A 360 -10.21 -24.79 -3.04
CA HIS A 360 -12.86 -27.52 -4.44
CA HIS A 360 -9.56 -26.09 -2.77
C HIS A 360 -12.99 -28.16 -3.06
C HIS A 360 -9.69 -26.51 -1.31
N LEU A 361 -12.82 -27.36 -2.02
N LEU A 361 -10.39 -25.69 -0.51
CA LEU A 361 -13.07 -27.81 -0.66
CA LEU A 361 -10.52 -25.95 0.93
C LEU A 361 -14.48 -27.41 -0.26
C LEU A 361 -11.94 -26.19 1.52
N GLY A 362 -14.83 -26.15 -0.57
N GLY A 362 -13.04 -25.81 0.87
CA GLY A 362 -13.88 -25.18 -1.12
CA GLY A 362 -13.11 -25.20 -0.47
C GLY A 362 -14.31 -23.77 -0.73
C GLY A 362 -14.03 -23.98 -0.44
N ASN A 363 -13.36 -22.83 -0.58
CA ASN A 363 -13.83 -21.50 -0.25
C ASN A 363 -13.74 -20.59 -1.45
N ASN A 364 -14.36 -19.42 -1.29
CA ASN A 364 -14.20 -18.33 -2.23
C ASN A 364 -12.85 -17.71 -1.87
N ARG A 365 -12.00 -17.51 -2.89
CA ARG A 365 -10.77 -16.77 -2.71
C ARG A 365 -10.70 -15.72 -3.78
N THR A 366 -10.32 -14.52 -3.37
CA THR A 366 -10.00 -13.47 -4.35
C THR A 366 -8.51 -13.49 -4.57
N VAL A 367 -8.15 -13.59 -5.84
CA VAL A 367 -6.84 -14.04 -6.21
C VAL A 367 -6.37 -13.24 -7.43
N SER A 368 -5.08 -13.01 -7.51
CA SER A 368 -4.51 -12.36 -8.71
C SER A 368 -4.35 -13.36 -9.82
N ILE A 369 -4.57 -12.92 -11.04
CA ILE A 369 -4.38 -13.78 -12.20
C ILE A 369 -2.90 -14.29 -12.28
N ASP A 370 -1.96 -13.50 -11.74
CA ASP A 370 -0.54 -13.88 -11.70
C ASP A 370 -0.28 -15.09 -10.81
N ASN A 371 -1.20 -15.44 -9.92
CA ASN A 371 -1.04 -16.63 -9.15
C ASN A 371 -1.94 -17.72 -9.66
N LEU A 372 -2.31 -17.62 -10.93
CA LEU A 372 -3.14 -18.62 -11.57
C LEU A 372 -2.54 -19.12 -12.88
N LYS A 373 -2.73 -20.39 -13.18
CA LYS A 373 -2.61 -20.85 -14.57
C LYS A 373 -3.91 -21.48 -15.02
N PRO A 374 -4.23 -21.35 -16.31
CA PRO A 374 -5.42 -22.02 -16.79
C PRO A 374 -5.12 -23.49 -16.91
N THR A 375 -5.93 -24.35 -16.28
CA THR A 375 -5.76 -25.81 -16.44
C THR A 375 -5.65 -26.26 -17.91
N SER A 376 -4.66 -27.10 -18.15
CA SER A 376 -4.36 -27.52 -19.52
C SER A 376 -5.28 -28.59 -20.05
N HIS A 377 -5.46 -28.62 -21.35
CA HIS A 377 -6.26 -29.70 -21.97
C HIS A 377 -7.75 -29.69 -21.56
N GLN A 378 -8.26 -28.54 -21.05
CA GLN A 378 -9.63 -28.39 -20.49
C GLN A 378 -10.03 -29.38 -19.35
N ASP B 119 4.70 44.12 -1.73
CA ASP B 119 4.77 42.99 -0.73
C ASP B 119 3.93 41.74 -1.16
N ARG B 120 4.55 40.56 -1.04
CA ARG B 120 3.97 39.29 -1.45
C ARG B 120 2.91 38.77 -0.45
N PRO B 121 1.86 38.10 -0.94
CA PRO B 121 0.83 37.51 -0.08
C PRO B 121 1.34 36.48 0.94
N GLN B 122 0.59 36.33 2.02
CA GLN B 122 0.96 35.43 3.11
C GLN B 122 0.74 33.96 2.71
N LYS B 123 1.66 33.08 3.14
CA LYS B 123 1.64 31.68 2.70
C LYS B 123 1.83 30.69 3.86
N PRO B 124 1.42 29.42 3.68
CA PRO B 124 1.78 28.40 4.65
C PRO B 124 3.28 28.27 4.73
N PHE B 125 3.82 27.97 5.91
CA PHE B 125 5.27 27.78 6.08
C PHE B 125 6.06 29.07 6.17
N ASP B 126 5.36 30.21 6.09
CA ASP B 126 5.98 31.54 6.20
C ASP B 126 6.43 31.79 7.63
N LYS B 127 5.64 31.32 8.58
CA LYS B 127 5.85 31.63 9.97
C LYS B 127 5.15 30.56 10.81
N PHE B 128 5.88 29.93 11.73
CA PHE B 128 5.23 29.01 12.67
C PHE B 128 5.28 29.70 14.01
N PHE B 129 4.22 29.61 14.77
CA PHE B 129 4.21 30.24 16.07
C PHE B 129 4.27 29.10 17.04
N ILE B 130 5.25 29.16 17.92
CA ILE B 130 5.44 28.10 18.88
C ILE B 130 5.31 28.59 20.34
N ASP B 131 4.86 27.70 21.20
CA ASP B 131 4.75 28.00 22.60
C ASP B 131 4.46 26.74 23.39
N TYR B 132 4.79 26.74 24.68
CA TYR B 132 4.50 25.59 25.55
C TYR B 132 3.26 25.81 26.39
N ILE B 133 2.54 24.73 26.67
CA ILE B 133 1.41 24.72 27.58
C ILE B 133 1.70 23.68 28.65
N GLY B 134 1.58 24.06 29.94
CA GLY B 134 1.82 23.15 31.06
C GLY B 134 2.63 23.84 32.14
N PRO B 135 2.98 23.11 33.23
CA PRO B 135 2.83 21.66 33.46
C PRO B 135 1.37 21.24 33.46
N LEU B 136 1.14 19.99 33.03
CA LEU B 136 -0.17 19.37 33.09
C LEU B 136 -0.08 18.15 33.99
N PRO B 137 -1.23 17.57 34.38
CA PRO B 137 -1.12 16.32 35.14
C PRO B 137 -0.44 15.29 34.25
N PRO B 138 0.37 14.39 34.84
CA PRO B 138 1.14 13.44 34.03
C PRO B 138 0.25 12.63 33.13
N SER B 139 0.68 12.40 31.89
CA SER B 139 -0.01 11.48 31.00
C SER B 139 0.99 10.67 30.19
N GLN B 140 1.03 9.36 30.44
CA GLN B 140 2.08 8.48 29.91
C GLN B 140 3.46 9.08 30.10
N GLY B 141 3.66 9.78 31.23
CA GLY B 141 4.94 10.37 31.56
C GLY B 141 5.17 11.74 30.97
N TYR B 142 4.20 12.25 30.22
CA TYR B 142 4.30 13.57 29.60
C TYR B 142 3.68 14.68 30.43
N LEU B 143 4.20 15.90 30.26
CA LEU B 143 3.82 17.03 31.12
C LEU B 143 3.49 18.34 30.41
N TYR B 144 3.96 18.49 29.17
CA TYR B 144 3.73 19.72 28.42
C TYR B 144 3.21 19.44 27.01
N VAL B 145 2.80 20.50 26.32
CA VAL B 145 2.45 20.36 24.93
C VAL B 145 3.17 21.47 24.23
N LEU B 146 4.01 21.11 23.28
CA LEU B 146 4.54 22.12 22.41
C LEU B 146 3.49 22.38 21.35
N VAL B 147 3.14 23.66 21.18
CA VAL B 147 2.06 24.03 20.28
C VAL B 147 2.67 24.77 19.10
N VAL B 148 2.33 24.32 17.89
CA VAL B 148 2.82 24.97 16.70
C VAL B 148 1.65 25.32 15.82
N VAL B 149 1.60 26.58 15.42
CA VAL B 149 0.52 27.07 14.61
C VAL B 149 1.07 27.74 13.38
N ASP B 150 0.59 27.28 12.23
CA ASP B 150 0.98 27.94 11.00
C ASP B 150 0.22 29.28 10.92
N GLY B 151 0.95 30.36 10.67
CA GLY B 151 0.40 31.71 10.71
C GLY B 151 -0.63 31.97 9.62
N MET B 152 -0.30 31.64 8.39
CA MET B 152 -1.23 31.85 7.29
C MET B 152 -2.49 31.00 7.40
N THR B 153 -2.34 29.68 7.62
CA THR B 153 -3.49 28.77 7.59
C THR B 153 -4.17 28.56 8.95
N GLY B 154 -3.43 28.79 10.04
CA GLY B 154 -3.98 28.45 11.36
C GLY B 154 -3.92 26.96 11.73
N PHE B 155 -3.18 26.18 10.93
CA PHE B 155 -2.98 24.75 11.20
C PHE B 155 -2.18 24.51 12.48
N THR B 156 -2.60 23.52 13.24
CA THR B 156 -2.01 23.26 14.52
C THR B 156 -1.35 21.89 14.57
N TRP B 157 -0.09 21.88 15.00
CA TRP B 157 0.59 20.65 15.37
C TRP B 157 0.87 20.70 16.86
N LEU B 158 0.53 19.62 17.56
CA LEU B 158 0.82 19.47 18.98
C LEU B 158 1.81 18.31 19.29
N TYR B 159 2.80 18.58 20.13
CA TYR B 159 3.77 17.55 20.53
C TYR B 159 3.90 17.52 22.03
N PRO B 160 3.62 16.34 22.62
CA PRO B 160 3.73 16.10 24.07
C PRO B 160 5.18 16.05 24.49
N THR B 161 5.58 16.78 25.52
CA THR B 161 6.97 16.72 26.00
C THR B 161 7.06 16.50 27.52
N LYS B 162 8.27 16.23 28.01
CA LYS B 162 8.48 15.97 29.43
C LYS B 162 9.00 17.21 30.14
N ALA B 163 9.39 18.21 29.35
CA ALA B 163 9.97 19.42 29.89
C ALA B 163 9.92 20.54 28.85
N PRO B 164 9.87 21.79 29.31
CA PRO B 164 9.95 22.88 28.36
C PRO B 164 11.42 23.22 28.08
N SER B 165 12.18 22.24 27.61
CA SER B 165 13.62 22.44 27.43
C SER B 165 13.94 22.64 25.97
N THR B 166 15.13 23.16 25.67
CA THR B 166 15.60 23.19 24.30
C THR B 166 15.59 21.81 23.70
N SER B 167 16.04 20.85 24.49
CA SER B 167 16.20 19.47 24.10
C SER B 167 14.89 18.86 23.62
N ALA B 168 13.82 19.00 24.41
CA ALA B 168 12.49 18.49 24.02
C ALA B 168 11.90 19.28 22.85
N THR B 169 12.28 20.54 22.73
CA THR B 169 11.81 21.36 21.66
C THR B 169 12.46 20.93 20.36
N VAL B 170 13.76 20.66 20.44
CA VAL B 170 14.52 20.24 19.26
C VAL B 170 14.01 18.87 18.79
N LYS B 171 13.80 17.97 19.73
CA LYS B 171 13.38 16.63 19.39
C LYS B 171 12.00 16.67 18.70
N SER B 172 11.08 17.48 19.24
CA SER B 172 9.74 17.62 18.68
C SER B 172 9.74 18.36 17.36
N LEU B 173 10.46 19.47 17.28
CA LEU B 173 10.49 20.19 16.01
C LEU B 173 11.19 19.39 14.90
N ASN B 174 12.06 18.44 15.27
CA ASN B 174 12.72 17.57 14.31
C ASN B 174 11.67 16.72 13.63
N VAL B 175 10.66 16.29 14.38
CA VAL B 175 9.56 15.56 13.78
C VAL B 175 8.82 16.46 12.76
N LEU B 176 8.43 17.64 13.16
CA LEU B 176 7.63 18.50 12.31
C LEU B 176 8.45 18.96 11.12
N THR B 177 9.73 19.25 11.34
CA THR B 177 10.51 19.84 10.27
C THR B 177 11.02 18.79 9.32
N SER B 178 10.67 17.53 9.57
CA SER B 178 10.92 16.46 8.61
C SER B 178 9.67 16.29 7.74
N ILE B 179 8.66 17.10 8.01
CA ILE B 179 7.50 17.20 7.13
C ILE B 179 7.47 18.53 6.37
N ALA B 180 7.81 19.63 7.04
CA ALA B 180 7.78 20.95 6.41
C ALA B 180 8.62 21.90 7.23
N ILE B 181 9.33 22.79 6.56
CA ILE B 181 10.21 23.70 7.27
C ILE B 181 9.71 25.14 7.16
N PRO B 182 9.52 25.81 8.32
CA PRO B 182 9.08 27.21 8.30
C PRO B 182 10.26 28.11 7.96
N LYS B 183 10.01 29.25 7.31
CA LYS B 183 11.03 30.30 7.11
C LYS B 183 11.40 30.98 8.44
N VAL B 184 10.36 31.21 9.25
CA VAL B 184 10.46 31.96 10.48
C VAL B 184 9.72 31.17 11.53
N ILE B 185 10.36 31.02 12.69
CA ILE B 185 9.68 30.55 13.89
C ILE B 185 9.53 31.79 14.80
N HIS B 186 8.32 32.02 15.31
CA HIS B 186 8.05 33.09 16.27
C HIS B 186 7.77 32.49 17.64
N SER B 187 8.40 33.05 18.66
CA SER B 187 8.09 32.65 20.04
C SER B 187 8.22 33.81 20.99
N ASP B 188 7.76 33.60 22.23
CA ASP B 188 8.13 34.46 23.36
C ASP B 188 9.59 34.16 23.78
N GLN B 189 10.06 34.79 24.85
CA GLN B 189 11.44 34.61 25.25
C GLN B 189 11.57 33.53 26.29
N GLY B 190 10.77 32.48 26.14
CA GLY B 190 10.99 31.25 26.90
C GLY B 190 12.45 30.81 26.87
N ALA B 191 12.88 30.16 27.96
CA ALA B 191 14.27 29.77 28.10
C ALA B 191 14.65 28.81 26.98
N ALA B 192 13.80 27.79 26.77
CA ALA B 192 13.99 26.83 25.70
C ALA B 192 14.20 27.45 24.33
N PHE B 193 13.60 28.62 24.07
CA PHE B 193 13.69 29.22 22.72
C PHE B 193 14.80 30.23 22.56
N THR B 194 15.35 30.73 23.67
CA THR B 194 16.41 31.76 23.56
C THR B 194 17.81 31.18 23.75
N SER B 195 17.88 29.88 24.11
CA SER B 195 19.15 29.16 24.24
C SER B 195 19.97 29.20 22.96
N SER B 196 21.29 29.19 23.09
CA SER B 196 22.12 29.21 21.88
C SER B 196 22.08 27.86 21.10
N THR B 197 21.77 26.77 21.81
CA THR B 197 21.51 25.48 21.19
C THR B 197 20.34 25.58 20.25
N PHE B 198 19.21 26.14 20.69
CA PHE B 198 18.07 26.32 19.78
C PHE B 198 18.43 27.25 18.63
N ALA B 199 19.22 28.27 18.90
CA ALA B 199 19.65 29.15 17.82
C ALA B 199 20.49 28.39 16.80
N GLU B 200 21.40 27.53 17.28
CA GLU B 200 22.24 26.70 16.41
C GLU B 200 21.34 25.83 15.51
N TRP B 201 20.44 25.07 16.16
CA TRP B 201 19.42 24.28 15.49
C TRP B 201 18.75 25.05 14.35
N ALA B 202 18.25 26.25 14.62
CA ALA B 202 17.54 27.00 13.59
C ALA B 202 18.47 27.45 12.49
N LYS B 203 19.65 27.92 12.86
CA LYS B 203 20.65 28.33 11.87
C LYS B 203 20.95 27.18 10.88
N GLU B 204 21.23 26.00 11.44
CA GLU B 204 21.48 24.79 10.66
C GLU B 204 20.40 24.63 9.60
N ARG B 205 19.15 24.88 9.96
CA ARG B 205 18.06 24.61 9.03
C ARG B 205 17.62 25.80 8.19
N GLY B 206 18.38 26.90 8.24
CA GLY B 206 17.99 28.14 7.55
C GLY B 206 16.69 28.80 8.02
N ILE B 207 16.28 28.50 9.27
CA ILE B 207 15.09 29.08 9.88
C ILE B 207 15.44 30.37 10.66
N HIS B 208 14.80 31.49 10.34
CA HIS B 208 14.96 32.71 11.09
C HIS B 208 14.18 32.65 12.42
N LEU B 209 14.84 32.94 13.53
CA LEU B 209 14.14 33.04 14.82
C LEU B 209 13.62 34.47 15.08
N GLU B 210 12.44 34.55 15.71
CA GLU B 210 11.80 35.84 15.99
C GLU B 210 11.09 35.84 17.32
N PHE B 211 11.49 36.81 18.14
CA PHE B 211 11.02 36.91 19.50
C PHE B 211 10.14 38.12 19.69
N SER B 212 9.03 37.91 20.40
CA SER B 212 8.24 38.99 20.93
C SER B 212 8.98 39.55 22.13
N THR B 213 8.83 40.85 22.40
CA THR B 213 9.52 41.47 23.54
C THR B 213 9.00 40.90 24.87
N PRO B 214 9.88 40.85 25.91
CA PRO B 214 9.45 40.25 27.19
C PRO B 214 8.18 40.88 27.73
N TYR B 215 7.34 40.04 28.35
CA TYR B 215 6.07 40.46 28.95
C TYR B 215 5.01 41.00 27.95
N HIS B 216 5.39 41.14 26.66
CA HIS B 216 4.47 41.62 25.61
C HIS B 216 4.31 40.64 24.43
N PRO B 217 3.56 39.53 24.65
CA PRO B 217 3.38 38.52 23.59
C PRO B 217 2.47 39.03 22.46
N GLN B 218 2.95 38.94 21.22
CA GLN B 218 2.16 39.36 20.07
C GLN B 218 2.29 38.34 18.93
N SER B 219 1.17 38.03 18.28
CA SER B 219 1.11 37.00 17.25
C SER B 219 0.47 37.58 16.02
N SER B 220 -0.77 37.14 15.82
CA SER B 220 -1.72 37.76 14.92
C SER B 220 -3.07 37.49 15.58
N GLY B 221 -4.14 38.11 15.07
CA GLY B 221 -5.47 37.84 15.58
C GLY B 221 -5.79 36.37 15.46
N LYS B 222 -5.51 35.84 14.28
CA LYS B 222 -5.79 34.44 13.93
C LYS B 222 -5.11 33.49 14.90
N VAL B 223 -3.80 33.69 15.07
CA VAL B 223 -3.00 32.86 15.98
C VAL B 223 -3.48 32.95 17.44
N GLU B 224 -3.64 34.18 17.94
CA GLU B 224 -4.15 34.46 19.29
C GLU B 224 -5.44 33.70 19.57
N ARG B 225 -6.39 33.82 18.65
CA ARG B 225 -7.68 33.16 18.78
C ARG B 225 -7.49 31.66 18.74
N LYS B 226 -6.62 31.18 17.85
CA LYS B 226 -6.31 29.74 17.78
C LYS B 226 -5.74 29.21 19.10
N ASN B 227 -4.73 29.91 19.63
CA ASN B 227 -4.09 29.54 20.90
C ASN B 227 -5.09 29.54 22.03
N SER B 228 -6.00 30.51 21.98
CA SER B 228 -7.12 30.53 22.89
C SER B 228 -7.94 29.23 22.79
N ASP B 229 -8.39 28.88 21.58
CA ASP B 229 -9.20 27.68 21.40
C ASP B 229 -8.51 26.44 21.92
N ILE B 230 -7.20 26.35 21.63
CA ILE B 230 -6.37 25.25 22.08
C ILE B 230 -6.45 25.09 23.59
N LYS B 231 -6.18 26.17 24.34
CA LYS B 231 -6.22 26.12 25.82
C LYS B 231 -7.61 25.74 26.32
N ARG B 232 -8.65 26.37 25.79
CA ARG B 232 -10.00 26.08 26.21
C ARG B 232 -10.40 24.66 25.90
N LEU B 233 -10.08 24.18 24.68
CA LEU B 233 -10.43 22.81 24.28
C LEU B 233 -9.68 21.77 25.10
N LEU B 234 -8.41 22.05 25.39
CA LEU B 234 -7.64 21.19 26.26
C LEU B 234 -8.28 21.06 27.63
N THR B 235 -8.42 22.20 28.32
CA THR B 235 -9.10 22.33 29.63
C THR B 235 -10.40 21.55 29.66
N LYS B 236 -11.20 21.69 28.61
CA LYS B 236 -12.50 21.03 28.57
C LYS B 236 -12.35 19.53 28.63
N LEU B 237 -11.52 18.97 27.74
CA LEU B 237 -11.48 17.51 27.63
C LEU B 237 -10.60 16.83 28.71
N LEU B 238 -9.66 17.58 29.27
CA LEU B 238 -8.91 17.05 30.40
C LEU B 238 -9.83 16.77 31.60
N VAL B 239 -10.57 17.78 32.08
CA VAL B 239 -11.53 17.56 33.21
C VAL B 239 -12.39 16.31 32.99
N GLY B 240 -12.53 15.53 34.07
CA GLY B 240 -13.10 14.17 34.01
C GLY B 240 -12.02 13.11 33.87
N ARG B 241 -11.08 13.34 32.94
CA ARG B 241 -9.98 12.43 32.64
C ARG B 241 -8.63 13.17 32.48
N PRO B 242 -8.13 13.79 33.58
CA PRO B 242 -7.01 14.75 33.53
C PRO B 242 -5.65 14.12 33.18
N THR B 243 -5.67 12.81 33.02
CA THR B 243 -4.48 11.99 32.94
C THR B 243 -4.44 11.21 31.61
N LYS B 244 -5.53 11.34 30.84
CA LYS B 244 -5.70 10.63 29.58
C LYS B 244 -5.56 11.55 28.35
N TRP B 245 -4.86 12.68 28.50
CA TRP B 245 -4.78 13.65 27.41
C TRP B 245 -3.80 13.28 26.30
N TYR B 246 -2.78 12.50 26.65
CA TYR B 246 -1.80 12.05 25.68
C TYR B 246 -2.51 11.34 24.52
N ASP B 247 -3.47 10.46 24.82
CA ASP B 247 -4.18 9.71 23.78
C ASP B 247 -5.13 10.57 22.98
N LEU B 248 -5.51 11.72 23.54
CA LEU B 248 -6.49 12.59 22.88
C LEU B 248 -5.88 13.64 21.97
N LEU B 249 -4.57 13.85 22.06
CA LEU B 249 -3.93 14.84 21.23
C LEU B 249 -4.28 14.71 19.74
N PRO B 250 -4.30 13.47 19.20
CA PRO B 250 -4.71 13.42 17.78
C PRO B 250 -6.10 14.01 17.50
N VAL B 251 -7.10 13.61 18.29
CA VAL B 251 -8.48 14.04 18.04
C VAL B 251 -8.63 15.56 18.26
N VAL B 252 -7.87 16.10 19.20
CA VAL B 252 -7.77 17.52 19.42
C VAL B 252 -7.31 18.28 18.17
N GLN B 253 -6.21 17.85 17.57
CA GLN B 253 -5.66 18.51 16.39
C GLN B 253 -6.62 18.42 15.20
N LEU B 254 -7.27 17.28 15.02
CA LEU B 254 -8.24 17.16 13.93
C LEU B 254 -9.35 18.15 14.11
N ALA B 255 -9.84 18.25 15.35
CA ALA B 255 -10.90 19.18 15.73
C ALA B 255 -10.48 20.58 15.36
N LEU B 256 -9.37 21.04 15.94
CA LEU B 256 -8.82 22.37 15.66
C LEU B 256 -8.64 22.68 14.18
N ASN B 257 -8.17 21.69 13.42
CA ASN B 257 -7.77 21.93 12.03
C ASN B 257 -8.94 21.74 11.08
N ASN B 258 -10.00 21.15 11.60
CA ASN B 258 -11.23 21.11 10.85
C ASN B 258 -12.32 22.03 11.43
N THR B 259 -11.89 23.08 12.13
CA THR B 259 -12.77 24.12 12.66
C THR B 259 -12.83 25.30 11.69
N TYR B 260 -14.05 25.69 11.34
CA TYR B 260 -14.26 26.78 10.40
C TYR B 260 -13.78 28.15 10.94
N SER B 261 -13.05 28.90 10.10
CA SER B 261 -12.56 30.25 10.44
C SER B 261 -13.55 31.36 10.02
N PRO B 262 -14.18 32.06 11.01
CA PRO B 262 -15.13 33.11 10.64
C PRO B 262 -14.57 34.12 9.63
N VAL B 263 -13.35 34.60 9.86
CA VAL B 263 -12.70 35.62 8.99
C VAL B 263 -12.44 35.13 7.55
N LEU B 264 -11.92 33.91 7.41
CA LEU B 264 -11.75 33.27 6.08
C LEU B 264 -12.88 32.24 5.91
N LYS B 265 -13.22 31.94 4.68
CA LYS B 265 -14.32 31.00 4.45
C LYS B 265 -13.90 29.52 4.69
N TYR B 266 -12.71 29.30 5.27
CA TYR B 266 -12.09 27.97 5.20
C TYR B 266 -11.48 27.48 6.51
N THR B 267 -11.43 26.16 6.70
CA THR B 267 -10.70 25.55 7.82
C THR B 267 -9.17 25.55 7.54
N PRO B 268 -8.35 25.34 8.58
CA PRO B 268 -6.92 25.20 8.34
C PRO B 268 -6.59 24.00 7.42
N HIS B 269 -7.21 22.86 7.66
CA HIS B 269 -7.10 21.76 6.72
C HIS B 269 -7.27 22.22 5.27
N GLN B 270 -8.30 23.00 4.99
CA GLN B 270 -8.59 23.36 3.60
C GLN B 270 -7.53 24.28 3.02
N LEU B 271 -7.01 25.17 3.85
CA LEU B 271 -6.01 26.13 3.40
C LEU B 271 -4.65 25.47 3.19
N LEU B 272 -4.41 24.42 3.95
CA LEU B 272 -3.15 23.73 3.88
C LEU B 272 -3.10 22.77 2.68
N PHE B 273 -4.13 21.93 2.53
CA PHE B 273 -4.11 20.96 1.48
C PHE B 273 -4.93 21.29 0.26
N GLY B 274 -5.79 22.30 0.33
CA GLY B 274 -6.65 22.65 -0.80
C GLY B 274 -7.75 21.66 -1.16
N ILE B 275 -8.25 20.92 -0.16
CA ILE B 275 -9.34 19.95 -0.35
C ILE B 275 -10.23 19.95 0.89
N ASP B 276 -11.43 19.42 0.78
CA ASP B 276 -12.24 19.16 1.97
C ASP B 276 -11.59 18.00 2.73
N SER B 277 -11.96 17.81 3.97
CA SER B 277 -11.36 16.77 4.77
C SER B 277 -12.32 15.58 4.88
N ASN B 278 -11.86 14.45 5.38
CA ASN B 278 -12.72 13.30 5.55
C ASN B 278 -13.27 13.25 6.96
N THR B 279 -12.80 14.16 7.80
CA THR B 279 -13.35 14.33 9.13
C THR B 279 -13.76 15.77 9.32
N PRO B 280 -14.97 16.14 8.87
CA PRO B 280 -15.45 17.51 9.09
C PRO B 280 -16.06 17.58 10.49
N PHE B 281 -15.88 18.69 11.18
CA PHE B 281 -16.44 18.81 12.51
C PHE B 281 -17.63 19.74 12.43
N ALA B 282 -18.77 19.16 12.07
CA ALA B 282 -20.00 19.90 11.77
C ALA B 282 -20.62 20.47 13.04
N ASN B 283 -20.63 19.66 14.11
CA ASN B 283 -20.97 20.14 15.46
C ASN B 283 -19.91 21.12 15.98
N GLN B 284 -20.05 22.39 15.58
CA GLN B 284 -19.33 23.50 16.22
C GLN B 284 -19.69 23.47 17.72
N ASP B 285 -18.74 22.98 18.52
CA ASP B 285 -19.00 22.59 19.92
C ASP B 285 -19.16 23.77 20.89
N THR B 286 -19.72 23.48 22.08
CA THR B 286 -19.92 24.51 23.13
C THR B 286 -18.60 25.16 23.54
N LEU B 287 -17.60 24.30 23.78
CA LEU B 287 -16.25 24.72 24.19
C LEU B 287 -16.22 25.32 25.61
N ASP B 288 -17.40 25.59 26.15
CA ASP B 288 -17.56 26.06 27.52
C ASP B 288 -17.86 24.90 28.45
N LEU B 289 -17.46 25.04 29.70
CA LEU B 289 -17.65 24.03 30.72
C LEU B 289 -19.09 24.04 31.26
N THR B 290 -19.77 22.90 31.18
CA THR B 290 -21.13 22.72 31.72
C THR B 290 -21.10 22.80 33.24
N ARG B 291 -22.26 23.06 33.86
CA ARG B 291 -22.33 23.28 35.32
C ARG B 291 -21.62 22.17 36.12
N GLU B 292 -21.81 20.90 35.70
CA GLU B 292 -21.13 19.75 36.30
C GLU B 292 -19.61 19.88 36.29
N GLU B 293 -19.08 20.20 35.09
CA GLU B 293 -17.63 20.28 34.85
C GLU B 293 -16.94 21.41 35.61
N GLU B 294 -17.63 22.53 35.82
CA GLU B 294 -17.12 23.61 36.67
C GLU B 294 -16.97 23.12 38.11
N LEU B 295 -17.98 22.38 38.58
CA LEU B 295 -17.97 21.75 39.91
C LEU B 295 -16.90 20.66 40.03
N SER B 296 -16.74 19.84 38.98
CA SER B 296 -15.70 18.80 38.91
C SER B 296 -14.28 19.38 38.84
N LEU B 297 -14.12 20.44 38.05
CA LEU B 297 -12.83 21.13 37.88
C LEU B 297 -12.36 21.81 39.17
N LEU B 298 -13.33 22.33 39.95
CA LEU B 298 -13.02 22.94 41.25
C LEU B 298 -12.82 21.88 42.36
N GLN B 299 -13.20 20.62 42.08
CA GLN B 299 -12.95 19.49 42.98
C GLN B 299 -11.55 18.86 42.78
N GLU B 300 -11.15 18.70 41.52
CA GLU B 300 -9.78 18.24 41.17
C GLU B 300 -8.67 19.22 41.61
N ILE B 301 -9.02 20.50 41.77
CA ILE B 301 -8.10 21.54 42.25
C ILE B 301 -8.04 21.63 43.80
N ARG B 302 -8.81 20.75 44.48
CA ARG B 302 -8.85 20.72 45.95
C ARG B 302 -7.57 20.11 46.58
#